data_6F9L
#
_entry.id   6F9L
#
_cell.length_a   73.080
_cell.length_b   99.410
_cell.length_c   64.760
_cell.angle_alpha   90.000
_cell.angle_beta   90.000
_cell.angle_gamma   90.000
#
_symmetry.space_group_name_H-M   'P 21 21 2'
#
loop_
_entity.id
_entity.type
_entity.pdbx_description
1 polymer Beta-amylase
2 branched alpha-D-glucopyranose-(1-4)-3-deoxy-3-fluoro-alpha-D-glucopyranose
3 non-polymer 'CHLORIDE ION'
4 water water
#
_entity_poly.entity_id   1
_entity_poly.type   'polypeptide(L)'
_entity_poly.pdbx_seq_one_letter_code
;MEVNVKGNYVQVYVMLPLDAVSVNNRFEKGDELRAQLRKLVEAGVDGVMVDVWWGLVEGKGPKAYDWSAYKQLFELVQKA
GLKLQAIMSFHQCGGNVGDAVNIPIPQWVRDVGTRDPDIFYTDGHGTRNIEYLTLGVDNQPLFHGRSAVQMYADYMTSFR
ENMKEFLDAGVIVDIEVGLGPAGEMRYPSYPQSHGWSFPGIGEFICYDKYLQADFKAAAAAVGHPEWEFPNDVGQYNDTP
ERTQFFRDNGTYLSEKGRFFLAWYSNNLIKHGDRILDEANKVFLGYKVQLAIKISGIHWWYKVPSHAAELTAGYYNLHDR
DGYRTIARMLKRHRASINFTCAEMRDSEQSSQAMSAPEELVQQVLSAGWREGLNVACENALPRYDPTAYNTILRNARPHG
INQSGPPEHKLFGFTYLRLSNQLVEGQNYVNFKTFVDRMHANLPRDPYVDPMAPLPRSGPEISIEMILQAAQPKLQPFPF
QEHTDLPVGPTGGMGGQAEGPTCGMGGQVKGPTGGMGGQAEDPTSGMGGELPATM
;
_entity_poly.pdbx_strand_id   A
#
# COMPACT_ATOMS: atom_id res chain seq x y z
N VAL A 5 -12.93 4.11 -28.31
CA VAL A 5 -12.27 5.08 -27.38
C VAL A 5 -12.52 4.75 -25.87
N LYS A 6 -13.71 4.25 -25.50
CA LYS A 6 -14.08 4.03 -24.06
C LYS A 6 -13.16 3.06 -23.29
N GLY A 7 -12.61 2.07 -23.97
CA GLY A 7 -11.63 1.18 -23.32
C GLY A 7 -10.40 1.90 -22.77
N ASN A 8 -10.14 3.12 -23.22
CA ASN A 8 -9.01 3.92 -22.71
C ASN A 8 -9.26 4.63 -21.34
N TYR A 9 -10.52 4.73 -20.90
CA TYR A 9 -10.92 5.50 -19.71
C TYR A 9 -10.24 4.90 -18.50
N VAL A 10 -9.55 5.76 -17.76
CA VAL A 10 -8.96 5.40 -16.46
C VAL A 10 -9.68 6.17 -15.34
N GLN A 11 -10.28 5.45 -14.41
CA GLN A 11 -10.93 6.10 -13.26
C GLN A 11 -9.95 6.91 -12.41
N VAL A 12 -10.44 8.04 -11.88
CA VAL A 12 -9.70 8.86 -10.92
C VAL A 12 -10.45 8.92 -9.57
N TYR A 13 -9.72 8.54 -8.51
CA TYR A 13 -10.20 8.65 -7.12
C TYR A 13 -9.41 9.74 -6.41
N VAL A 14 -10.04 10.40 -5.44
CA VAL A 14 -9.35 11.36 -4.58
C VAL A 14 -9.34 10.87 -3.11
N MET A 15 -8.15 10.91 -2.51
CA MET A 15 -7.97 10.54 -1.10
CA MET A 15 -7.96 10.50 -1.13
C MET A 15 -8.55 11.62 -0.24
N LEU A 16 -9.44 11.25 0.67
CA LEU A 16 -10.00 12.22 1.62
C LEU A 16 -8.91 12.68 2.63
N PRO A 17 -9.17 13.77 3.38
CA PRO A 17 -8.26 14.14 4.47
C PRO A 17 -8.05 13.03 5.51
N LEU A 18 -6.88 13.01 6.15
CA LEU A 18 -6.55 11.95 7.12
C LEU A 18 -7.50 12.01 8.33
N ASP A 19 -8.03 13.18 8.62
CA ASP A 19 -9.07 13.37 9.66
C ASP A 19 -10.48 13.62 9.07
N ALA A 20 -10.83 12.88 8.02
CA ALA A 20 -12.19 12.94 7.47
C ALA A 20 -13.19 12.63 8.59
N VAL A 21 -12.84 11.66 9.42
CA VAL A 21 -13.43 11.46 10.74
C VAL A 21 -12.44 11.96 11.79
N SER A 22 -12.92 12.70 12.79
CA SER A 22 -12.03 13.32 13.80
C SER A 22 -11.28 12.24 14.58
N VAL A 23 -10.23 12.69 15.25
CA VAL A 23 -9.46 11.83 16.12
C VAL A 23 -10.24 11.31 17.34
N ASN A 24 -11.39 11.92 17.66
CA ASN A 24 -12.29 11.41 18.68
C ASN A 24 -13.45 10.60 18.09
N ASN A 25 -13.30 10.12 16.84
CA ASN A 25 -14.32 9.34 16.18
C ASN A 25 -15.69 10.06 16.10
N ARG A 26 -15.69 11.31 15.66
CA ARG A 26 -16.93 12.02 15.35
C ARG A 26 -16.82 12.65 13.99
N PHE A 27 -17.92 12.67 13.26
CA PHE A 27 -17.94 13.21 11.93
C PHE A 27 -18.27 14.70 12.02
N GLU A 28 -17.24 15.52 11.83
CA GLU A 28 -17.35 16.95 12.07
C GLU A 28 -17.19 17.79 10.83
N LYS A 29 -16.89 17.19 9.68
CA LYS A 29 -16.62 17.99 8.50
C LYS A 29 -17.73 17.94 7.43
N GLY A 30 -18.96 17.65 7.86
CA GLY A 30 -20.13 17.56 6.97
C GLY A 30 -20.24 18.66 5.94
N ASP A 31 -20.24 19.91 6.41
CA ASP A 31 -20.44 21.07 5.54
C ASP A 31 -19.27 21.26 4.58
N GLU A 32 -18.07 21.20 5.12
CA GLU A 32 -16.87 21.39 4.32
C GLU A 32 -16.77 20.30 3.24
N LEU A 33 -16.85 19.05 3.64
CA LEU A 33 -16.76 17.95 2.67
C LEU A 33 -17.85 17.96 1.60
N ARG A 34 -19.06 18.31 1.99
CA ARG A 34 -20.17 18.37 1.04
C ARG A 34 -19.85 19.35 -0.09
N ALA A 35 -19.32 20.53 0.25
CA ALA A 35 -18.91 21.50 -0.77
C ALA A 35 -17.70 20.99 -1.58
N GLN A 36 -16.72 20.40 -0.91
CA GLN A 36 -15.54 19.91 -1.61
C GLN A 36 -15.87 18.76 -2.56
N LEU A 37 -16.76 17.86 -2.14
CA LEU A 37 -17.10 16.72 -3.00
C LEU A 37 -17.92 17.14 -4.23
N ARG A 38 -18.77 18.15 -4.11
CA ARG A 38 -19.45 18.76 -5.26
C ARG A 38 -18.42 19.24 -6.30
N LYS A 39 -17.33 19.84 -5.84
CA LYS A 39 -16.25 20.27 -6.74
C LYS A 39 -15.59 19.09 -7.42
N LEU A 40 -15.36 18.01 -6.68
CA LEU A 40 -14.81 16.80 -7.26
C LEU A 40 -15.75 16.20 -8.33
N VAL A 41 -17.06 16.17 -8.03
CA VAL A 41 -18.07 15.67 -8.96
C VAL A 41 -18.14 16.56 -10.20
N GLU A 42 -18.17 17.88 -9.99
CA GLU A 42 -18.12 18.83 -11.10
C GLU A 42 -16.87 18.66 -11.96
N ALA A 43 -15.76 18.24 -11.36
CA ALA A 43 -14.52 17.99 -12.10
C ALA A 43 -14.44 16.59 -12.75
N GLY A 44 -15.51 15.80 -12.68
CA GLY A 44 -15.54 14.45 -13.28
C GLY A 44 -15.06 13.27 -12.43
N VAL A 45 -14.68 13.50 -11.19
CA VAL A 45 -14.07 12.43 -10.38
C VAL A 45 -15.01 11.25 -10.19
N ASP A 46 -14.44 10.05 -10.26
CA ASP A 46 -15.19 8.79 -10.16
C ASP A 46 -15.51 8.41 -8.72
N GLY A 47 -14.58 8.64 -7.81
CA GLY A 47 -14.75 8.22 -6.41
C GLY A 47 -13.75 8.84 -5.47
N VAL A 48 -13.86 8.47 -4.20
CA VAL A 48 -12.90 8.88 -3.19
C VAL A 48 -12.40 7.66 -2.41
N MET A 49 -11.28 7.85 -1.72
CA MET A 49 -10.65 6.83 -0.89
C MET A 49 -10.58 7.37 0.51
N VAL A 50 -10.75 6.50 1.50
CA VAL A 50 -10.73 6.93 2.91
C VAL A 50 -10.12 5.86 3.82
N ASP A 51 -9.31 6.32 4.78
CA ASP A 51 -8.79 5.46 5.83
C ASP A 51 -9.90 5.17 6.80
N VAL A 52 -10.14 3.89 7.07
CA VAL A 52 -11.11 3.49 8.10
C VAL A 52 -10.28 3.03 9.31
N TRP A 53 -10.04 3.97 10.23
CA TRP A 53 -9.01 3.80 11.27
C TRP A 53 -9.43 2.83 12.37
N TRP A 54 -8.67 1.75 12.50
CA TRP A 54 -8.85 0.75 13.57
C TRP A 54 -8.83 1.39 14.94
N GLY A 55 -7.89 2.31 15.16
CA GLY A 55 -7.83 3.02 16.44
C GLY A 55 -9.02 3.90 16.80
N LEU A 56 -9.73 4.39 15.79
CA LEU A 56 -10.95 5.13 16.05
C LEU A 56 -12.09 4.18 16.32
N VAL A 57 -12.28 3.21 15.45
CA VAL A 57 -13.48 2.36 15.50
C VAL A 57 -13.51 1.31 16.66
N GLU A 58 -12.39 0.61 16.86
CA GLU A 58 -12.27 -0.37 17.95
C GLU A 58 -11.50 0.22 19.13
N GLY A 59 -11.62 1.53 19.35
CA GLY A 59 -10.79 2.26 20.32
C GLY A 59 -11.15 1.98 21.78
N LYS A 60 -12.42 1.74 22.06
CA LYS A 60 -12.85 1.60 23.46
C LYS A 60 -12.67 0.24 24.09
N GLY A 61 -12.54 -0.79 23.29
CA GLY A 61 -12.28 -2.11 23.84
C GLY A 61 -12.46 -3.17 22.78
N PRO A 62 -12.08 -4.43 23.09
CA PRO A 62 -12.27 -5.56 22.16
C PRO A 62 -13.70 -5.70 21.71
N LYS A 63 -13.89 -5.67 20.40
CA LYS A 63 -15.18 -5.84 19.74
C LYS A 63 -16.22 -4.74 19.98
N ALA A 64 -15.81 -3.61 20.53
CA ALA A 64 -16.66 -2.47 20.72
C ALA A 64 -16.50 -1.54 19.51
N TYR A 65 -17.11 -1.91 18.41
CA TYR A 65 -16.92 -1.21 17.17
C TYR A 65 -17.92 -0.06 17.11
N ASP A 66 -17.43 1.16 16.95
CA ASP A 66 -18.29 2.32 16.80
C ASP A 66 -18.12 2.88 15.39
N TRP A 67 -19.07 2.54 14.54
CA TRP A 67 -19.08 2.87 13.15
C TRP A 67 -19.86 4.12 12.87
N SER A 68 -20.40 4.80 13.89
CA SER A 68 -21.40 5.82 13.64
C SER A 68 -20.86 7.01 12.83
N ALA A 69 -19.63 7.46 13.10
CA ALA A 69 -19.05 8.56 12.32
C ALA A 69 -18.80 8.17 10.87
N TYR A 70 -18.26 6.97 10.66
CA TYR A 70 -18.03 6.49 9.31
C TYR A 70 -19.32 6.33 8.50
N LYS A 71 -20.40 5.93 9.15
CA LYS A 71 -21.71 5.86 8.46
C LYS A 71 -22.16 7.21 7.93
N GLN A 72 -22.04 8.26 8.74
CA GLN A 72 -22.42 9.61 8.30
C GLN A 72 -21.54 10.06 7.13
N LEU A 73 -20.23 9.84 7.24
CA LEU A 73 -19.32 10.11 6.11
C LEU A 73 -19.77 9.39 4.84
N PHE A 74 -20.01 8.10 4.96
CA PHE A 74 -20.38 7.29 3.81
C PHE A 74 -21.70 7.76 3.21
N GLU A 75 -22.67 8.12 4.04
CA GLU A 75 -23.96 8.66 3.51
C GLU A 75 -23.70 9.91 2.67
N LEU A 76 -22.79 10.74 3.15
CA LEU A 76 -22.41 11.93 2.42
C LEU A 76 -21.83 11.57 1.07
N VAL A 77 -20.94 10.59 1.02
CA VAL A 77 -20.29 10.19 -0.23
C VAL A 77 -21.33 9.62 -1.20
N GLN A 78 -22.22 8.77 -0.68
CA GLN A 78 -23.30 8.24 -1.47
C GLN A 78 -24.20 9.35 -2.03
N LYS A 79 -24.60 10.31 -1.20
CA LYS A 79 -25.40 11.42 -1.67
C LYS A 79 -24.76 12.31 -2.72
N ALA A 80 -23.42 12.37 -2.73
CA ALA A 80 -22.69 13.09 -3.80
C ALA A 80 -22.59 12.29 -5.10
N GLY A 81 -22.93 11.01 -5.05
CA GLY A 81 -22.92 10.15 -6.21
C GLY A 81 -21.55 9.59 -6.53
N LEU A 82 -20.63 9.60 -5.57
CA LEU A 82 -19.26 9.12 -5.78
C LEU A 82 -19.10 7.66 -5.34
N LYS A 83 -18.20 6.95 -5.99
CA LYS A 83 -17.76 5.64 -5.51
C LYS A 83 -16.79 5.83 -4.35
N LEU A 84 -16.56 4.73 -3.61
CA LEU A 84 -15.70 4.77 -2.44
CA LEU A 84 -15.76 4.74 -2.40
C LEU A 84 -14.80 3.54 -2.35
N GLN A 85 -13.52 3.81 -2.07
CA GLN A 85 -12.49 2.82 -1.74
C GLN A 85 -12.16 2.95 -0.26
N ALA A 86 -12.40 1.88 0.50
CA ALA A 86 -12.22 1.88 1.93
C ALA A 86 -10.94 1.17 2.30
N ILE A 87 -10.08 1.83 3.06
CA ILE A 87 -8.87 1.23 3.54
C ILE A 87 -9.08 0.68 4.96
N MET A 88 -8.82 -0.61 5.14
CA MET A 88 -8.85 -1.21 6.47
C MET A 88 -7.51 -0.81 7.07
N SER A 89 -7.55 0.29 7.83
CA SER A 89 -6.34 0.95 8.28
C SER A 89 -6.00 0.47 9.68
N PHE A 90 -5.23 -0.62 9.75
CA PHE A 90 -4.77 -1.26 11.00
C PHE A 90 -3.44 -0.69 11.49
N HIS A 91 -3.20 0.58 11.18
CA HIS A 91 -1.95 1.20 11.51
C HIS A 91 -2.22 2.56 12.13
N GLN A 92 -1.15 3.09 12.71
CA GLN A 92 -1.19 4.42 13.32
C GLN A 92 -1.09 5.50 12.24
N CYS A 93 -1.90 6.52 12.38
CA CYS A 93 -1.72 7.76 11.64
C CYS A 93 -0.82 8.70 12.44
N GLY A 94 0.21 9.24 11.77
CA GLY A 94 0.98 10.35 12.35
C GLY A 94 1.82 9.87 13.50
N GLY A 95 1.85 10.67 14.60
CA GLY A 95 2.60 10.32 15.82
C GLY A 95 4.02 10.84 15.94
N ASN A 96 4.53 11.48 14.87
CA ASN A 96 5.82 12.20 14.89
C ASN A 96 5.58 13.68 15.27
N VAL A 97 6.62 14.30 15.85
CA VAL A 97 6.56 15.72 16.20
C VAL A 97 6.21 16.50 14.91
N GLY A 98 5.27 17.44 15.01
CA GLY A 98 4.83 18.24 13.88
C GLY A 98 3.68 17.68 13.06
N ASP A 99 3.32 16.39 13.27
CA ASP A 99 2.20 15.74 12.56
C ASP A 99 0.88 16.31 13.04
N ALA A 100 0.00 16.62 12.09
CA ALA A 100 -1.24 17.31 12.40
C ALA A 100 -2.27 16.34 12.95
N VAL A 101 -2.34 15.15 12.37
CA VAL A 101 -3.33 14.15 12.76
C VAL A 101 -2.63 12.91 13.35
N ASN A 102 -2.92 12.63 14.63
CA ASN A 102 -2.34 11.52 15.34
CA ASN A 102 -2.32 11.46 15.34
C ASN A 102 -3.46 10.55 15.74
N ILE A 103 -3.43 9.33 15.18
CA ILE A 103 -4.43 8.32 15.47
C ILE A 103 -3.71 6.98 15.71
N PRO A 104 -3.43 6.63 16.99
CA PRO A 104 -2.71 5.40 17.27
C PRO A 104 -3.61 4.20 17.03
N ILE A 105 -3.04 3.01 17.03
CA ILE A 105 -3.84 1.79 17.11
C ILE A 105 -4.55 1.74 18.49
N PRO A 106 -5.52 0.84 18.66
CA PRO A 106 -6.31 0.95 19.90
C PRO A 106 -5.49 0.89 21.16
N GLN A 107 -5.91 1.70 22.13
CA GLN A 107 -5.17 1.82 23.37
C GLN A 107 -5.07 0.48 24.10
N TRP A 108 -6.15 -0.29 24.05
CA TRP A 108 -6.19 -1.59 24.73
C TRP A 108 -5.22 -2.61 24.09
N VAL A 109 -4.92 -2.44 22.80
CA VAL A 109 -3.90 -3.25 22.14
C VAL A 109 -2.52 -2.81 22.59
N ARG A 110 -2.28 -1.50 22.62
CA ARG A 110 -1.02 -0.97 23.20
C ARG A 110 -0.81 -1.36 24.63
N ASP A 111 -1.90 -1.47 25.39
CA ASP A 111 -1.80 -1.89 26.77
CA ASP A 111 -1.84 -1.94 26.78
C ASP A 111 -1.20 -3.32 26.93
N VAL A 112 -1.58 -4.22 26.05
CA VAL A 112 -0.97 -5.55 25.96
C VAL A 112 0.53 -5.42 25.76
N GLY A 113 0.93 -4.45 24.93
CA GLY A 113 2.34 -4.19 24.65
C GLY A 113 3.19 -3.78 25.84
N THR A 114 2.57 -3.18 26.86
CA THR A 114 3.30 -2.78 28.06
C THR A 114 3.76 -4.00 28.84
N ARG A 115 3.09 -5.13 28.65
CA ARG A 115 3.52 -6.41 29.24
C ARG A 115 4.26 -7.31 28.23
N ASP A 116 3.85 -7.30 26.97
CA ASP A 116 4.53 -8.07 25.92
C ASP A 116 4.98 -7.10 24.85
N PRO A 117 6.17 -6.52 25.03
CA PRO A 117 6.64 -5.49 24.09
C PRO A 117 6.95 -6.07 22.72
N ASP A 118 7.09 -7.40 22.66
CA ASP A 118 7.40 -8.06 21.38
C ASP A 118 6.23 -8.16 20.40
N ILE A 119 5.08 -7.59 20.73
CA ILE A 119 4.00 -7.42 19.75
C ILE A 119 4.28 -6.37 18.68
N PHE A 120 5.35 -5.60 18.87
CA PHE A 120 5.76 -4.53 17.95
C PHE A 120 7.02 -4.92 17.17
N TYR A 121 7.04 -4.57 15.87
CA TYR A 121 8.29 -4.60 15.15
C TYR A 121 9.40 -3.84 15.91
N THR A 122 10.53 -4.53 16.05
CA THR A 122 11.65 -4.14 16.89
C THR A 122 12.93 -4.15 16.07
N ASP A 123 13.69 -3.04 16.14
CA ASP A 123 14.97 -2.96 15.49
C ASP A 123 16.14 -3.56 16.26
N GLY A 124 17.34 -3.50 15.69
CA GLY A 124 18.53 -4.08 16.28
C GLY A 124 19.01 -3.38 17.56
N HIS A 125 18.60 -2.15 17.78
CA HIS A 125 18.85 -1.54 19.12
C HIS A 125 17.72 -1.77 20.14
N GLY A 126 16.70 -2.52 19.76
CA GLY A 126 15.61 -2.84 20.67
C GLY A 126 14.48 -1.84 20.67
N THR A 127 14.54 -0.82 19.81
CA THR A 127 13.46 0.16 19.75
C THR A 127 12.20 -0.48 19.21
N ARG A 128 11.11 -0.27 19.94
CA ARG A 128 9.77 -0.75 19.61
C ARG A 128 9.01 0.28 18.75
N ASN A 129 8.60 -0.12 17.55
CA ASN A 129 7.79 0.72 16.72
C ASN A 129 6.32 0.41 17.01
N ILE A 130 5.59 1.40 17.51
CA ILE A 130 4.21 1.19 17.92
C ILE A 130 3.16 1.38 16.82
N GLU A 131 3.56 1.56 15.57
CA GLU A 131 2.60 1.92 14.54
C GLU A 131 1.80 0.77 13.94
N TYR A 132 2.23 -0.47 14.20
CA TYR A 132 1.61 -1.67 13.63
C TYR A 132 2.10 -2.91 14.40
N LEU A 133 1.27 -3.95 14.44
CA LEU A 133 1.67 -5.17 15.10
C LEU A 133 2.54 -6.04 14.23
N THR A 134 3.61 -6.59 14.80
CA THR A 134 4.54 -7.46 14.04
C THR A 134 3.79 -8.60 13.36
N LEU A 135 4.14 -8.93 12.12
CA LEU A 135 3.62 -10.13 11.47
C LEU A 135 3.93 -11.36 12.31
N GLY A 136 4.96 -11.27 13.18
CA GLY A 136 5.26 -12.30 14.17
C GLY A 136 4.11 -12.74 15.07
N VAL A 137 3.13 -11.87 15.32
CA VAL A 137 1.98 -12.23 16.19
C VAL A 137 0.67 -12.45 15.42
N ASP A 138 0.75 -12.65 14.10
CA ASP A 138 -0.40 -12.86 13.24
C ASP A 138 -1.27 -13.99 13.81
N ASN A 139 -0.63 -15.06 14.27
CA ASN A 139 -1.34 -16.25 14.79
C ASN A 139 -1.07 -16.52 16.29
N GLN A 140 -0.66 -15.50 17.04
CA GLN A 140 -0.41 -15.64 18.48
C GLN A 140 -1.61 -15.04 19.23
N PRO A 141 -2.29 -15.82 20.10
CA PRO A 141 -3.56 -15.37 20.72
C PRO A 141 -3.32 -14.50 21.95
N LEU A 142 -2.70 -13.34 21.73
CA LEU A 142 -2.17 -12.50 22.81
C LEU A 142 -3.10 -11.39 23.23
N PHE A 143 -4.19 -11.19 22.50
CA PHE A 143 -5.00 -9.98 22.60
C PHE A 143 -6.38 -10.29 23.17
N HIS A 144 -6.41 -10.42 24.50
CA HIS A 144 -7.60 -10.87 25.20
C HIS A 144 -8.26 -12.05 24.51
N GLY A 145 -7.44 -13.06 24.23
CA GLY A 145 -7.88 -14.27 23.60
C GLY A 145 -7.80 -14.36 22.07
N ARG A 146 -7.53 -13.26 21.36
CA ARG A 146 -7.50 -13.26 19.89
C ARG A 146 -6.09 -13.04 19.35
N SER A 147 -5.84 -13.60 18.15
CA SER A 147 -4.59 -13.32 17.42
C SER A 147 -4.76 -12.05 16.61
N ALA A 148 -3.66 -11.52 16.09
CA ALA A 148 -3.75 -10.34 15.24
C ALA A 148 -4.63 -10.60 14.00
N VAL A 149 -4.45 -11.73 13.34
CA VAL A 149 -5.28 -12.09 12.20
C VAL A 149 -6.77 -12.14 12.55
N GLN A 150 -7.12 -12.71 13.70
CA GLN A 150 -8.52 -12.72 14.14
C GLN A 150 -9.08 -11.32 14.37
N MET A 151 -8.30 -10.43 14.97
CA MET A 151 -8.71 -9.06 15.12
C MET A 151 -8.98 -8.39 13.77
N TYR A 152 -8.10 -8.60 12.78
CA TYR A 152 -8.31 -8.02 11.46
C TYR A 152 -9.53 -8.56 10.78
N ALA A 153 -9.72 -9.88 10.87
CA ALA A 153 -10.89 -10.54 10.29
C ALA A 153 -12.18 -10.06 10.96
N ASP A 154 -12.19 -9.98 12.27
CA ASP A 154 -13.40 -9.56 13.03
C ASP A 154 -13.75 -8.11 12.68
N TYR A 155 -12.73 -7.26 12.55
CA TYR A 155 -12.94 -5.86 12.17
C TYR A 155 -13.59 -5.75 10.78
N MET A 156 -13.03 -6.49 9.83
CA MET A 156 -13.57 -6.52 8.49
C MET A 156 -15.00 -7.07 8.47
N THR A 157 -15.28 -8.07 9.29
CA THR A 157 -16.62 -8.66 9.35
C THR A 157 -17.61 -7.63 9.88
N SER A 158 -17.21 -6.90 10.91
CA SER A 158 -18.08 -5.88 11.50
C SER A 158 -18.33 -4.75 10.52
N PHE A 159 -17.29 -4.40 9.75
CA PHE A 159 -17.41 -3.44 8.66
C PHE A 159 -18.44 -3.86 7.63
N ARG A 160 -18.33 -5.10 7.18
CA ARG A 160 -19.25 -5.65 6.20
C ARG A 160 -20.70 -5.58 6.68
N GLU A 161 -20.90 -6.08 7.88
CA GLU A 161 -22.26 -6.06 8.48
C GLU A 161 -22.82 -4.64 8.64
N ASN A 162 -22.00 -3.71 9.10
CA ASN A 162 -22.49 -2.35 9.37
C ASN A 162 -22.65 -1.51 8.12
N MET A 163 -21.86 -1.76 7.09
CA MET A 163 -21.87 -0.99 5.84
C MET A 163 -22.55 -1.74 4.70
N LYS A 164 -23.30 -2.77 5.03
CA LYS A 164 -23.98 -3.60 4.02
C LYS A 164 -24.82 -2.78 3.00
N GLU A 165 -25.52 -1.73 3.44
CA GLU A 165 -26.30 -0.87 2.50
C GLU A 165 -25.41 -0.26 1.44
N PHE A 166 -24.26 0.24 1.88
CA PHE A 166 -23.33 0.91 0.97
C PHE A 166 -22.69 -0.04 -0.02
N LEU A 167 -22.37 -1.24 0.47
CA LEU A 167 -21.88 -2.30 -0.40
C LEU A 167 -22.95 -2.70 -1.43
N ASP A 168 -24.17 -2.96 -0.96
CA ASP A 168 -25.25 -3.36 -1.84
C ASP A 168 -25.70 -2.29 -2.84
N ALA A 169 -25.60 -1.02 -2.47
CA ALA A 169 -25.94 0.06 -3.39
C ALA A 169 -24.82 0.38 -4.37
N GLY A 170 -23.70 -0.36 -4.34
CA GLY A 170 -22.59 -0.13 -5.24
C GLY A 170 -21.78 1.13 -4.93
N VAL A 171 -21.84 1.64 -3.72
CA VAL A 171 -21.09 2.83 -3.31
C VAL A 171 -19.64 2.38 -3.03
N ILE A 172 -19.51 1.36 -2.18
CA ILE A 172 -18.18 0.83 -1.87
C ILE A 172 -17.85 -0.18 -2.94
N VAL A 173 -16.72 0.06 -3.61
CA VAL A 173 -16.27 -0.76 -4.75
C VAL A 173 -14.91 -1.41 -4.56
N ASP A 174 -14.16 -0.99 -3.55
CA ASP A 174 -12.82 -1.45 -3.35
C ASP A 174 -12.52 -1.51 -1.84
N ILE A 175 -11.94 -2.61 -1.38
CA ILE A 175 -11.40 -2.73 -0.02
C ILE A 175 -9.87 -2.84 -0.07
N GLU A 176 -9.17 -1.84 0.42
CA GLU A 176 -7.70 -1.88 0.47
C GLU A 176 -7.33 -2.42 1.84
N VAL A 177 -6.66 -3.57 1.88
CA VAL A 177 -6.34 -4.19 3.16
C VAL A 177 -4.97 -3.71 3.66
N GLY A 178 -4.96 -2.92 4.72
CA GLY A 178 -3.71 -2.49 5.33
C GLY A 178 -2.90 -3.65 5.86
N LEU A 179 -1.62 -3.69 5.53
CA LEU A 179 -0.76 -4.82 5.84
C LEU A 179 0.52 -4.42 6.53
N GLY A 180 0.59 -3.14 6.97
CA GLY A 180 1.78 -2.68 7.64
C GLY A 180 1.67 -1.19 7.91
N PRO A 181 2.79 -0.58 8.33
CA PRO A 181 2.86 0.88 8.50
C PRO A 181 2.37 1.60 7.25
N ALA A 182 1.67 2.71 7.48
CA ALA A 182 1.02 3.50 6.43
C ALA A 182 0.06 2.67 5.57
N GLY A 183 -0.37 1.52 6.09
CA GLY A 183 -1.22 0.60 5.33
C GLY A 183 -0.47 -0.22 4.27
N GLU A 184 0.84 -0.05 4.18
CA GLU A 184 1.62 -0.69 3.15
C GLU A 184 2.17 -2.01 3.62
N MET A 185 2.20 -2.98 2.69
CA MET A 185 2.79 -4.28 2.93
C MET A 185 4.30 -4.16 2.94
N ARG A 186 4.85 -3.85 4.09
CA ARG A 186 6.27 -3.69 4.28
C ARG A 186 6.60 -3.71 5.76
N TYR A 187 7.90 -3.75 6.04
CA TYR A 187 8.40 -3.48 7.38
C TYR A 187 8.58 -1.98 7.58
N PRO A 188 8.66 -1.53 8.83
CA PRO A 188 8.86 -0.10 9.13
C PRO A 188 10.34 0.25 9.15
N SER A 189 10.94 0.15 7.99
CA SER A 189 12.39 0.11 7.93
C SER A 189 12.97 1.53 7.80
N TYR A 190 12.10 2.53 7.57
CA TYR A 190 12.57 3.95 7.45
C TYR A 190 11.72 4.91 8.30
N PRO A 191 11.76 4.76 9.61
CA PRO A 191 10.91 5.54 10.49
C PRO A 191 11.51 6.91 10.88
N GLN A 192 10.81 7.98 10.57
CA GLN A 192 11.28 9.31 11.02
C GLN A 192 11.44 9.42 12.55
N SER A 193 10.59 8.78 13.32
CA SER A 193 10.70 8.84 14.79
C SER A 193 11.92 8.10 15.36
N HIS A 194 12.47 7.12 14.64
CA HIS A 194 13.70 6.44 15.06
C HIS A 194 14.96 7.10 14.50
N GLY A 195 14.80 8.25 13.83
CA GLY A 195 15.92 9.01 13.32
C GLY A 195 16.33 8.81 11.88
N TRP A 196 15.63 7.96 11.13
CA TRP A 196 15.88 7.87 9.68
C TRP A 196 15.58 9.19 8.99
N SER A 197 16.42 9.54 8.05
CA SER A 197 16.08 10.58 7.10
C SER A 197 16.52 10.15 5.69
N PHE A 198 15.76 10.58 4.72
CA PHE A 198 16.00 10.24 3.31
C PHE A 198 17.42 10.63 2.92
N PRO A 199 18.21 9.86 2.19
CA PRO A 199 17.90 8.55 1.61
C PRO A 199 18.65 7.42 2.32
N GLY A 200 18.54 7.37 3.64
CA GLY A 200 19.23 6.30 4.35
C GLY A 200 18.71 4.92 3.89
N ILE A 201 19.58 3.93 3.95
CA ILE A 201 19.25 2.57 3.56
C ILE A 201 18.18 1.90 4.43
N GLY A 202 17.96 2.41 5.65
CA GLY A 202 16.98 1.80 6.53
C GLY A 202 17.58 0.61 7.24
N GLU A 203 16.74 -0.11 8.01
CA GLU A 203 17.22 -1.24 8.82
C GLU A 203 16.24 -2.40 8.73
N PHE A 204 16.75 -3.59 9.00
CA PHE A 204 15.93 -4.80 9.09
C PHE A 204 15.23 -4.72 10.45
N ILE A 205 13.91 -4.88 10.47
CA ILE A 205 13.13 -4.74 11.68
C ILE A 205 12.52 -6.10 12.11
N CYS A 206 13.40 -7.05 12.39
CA CYS A 206 13.02 -8.43 12.66
C CYS A 206 13.50 -8.95 14.03
N TYR A 207 13.72 -8.03 14.97
CA TYR A 207 14.27 -8.38 16.26
C TYR A 207 13.25 -8.70 17.31
N ASP A 208 11.97 -8.58 17.02
CA ASP A 208 11.00 -8.98 18.04
C ASP A 208 11.21 -10.49 18.31
N LYS A 209 10.90 -10.95 19.52
CA LYS A 209 11.23 -12.30 19.92
C LYS A 209 10.49 -13.37 19.07
N TYR A 210 9.31 -13.00 18.56
CA TYR A 210 8.55 -13.93 17.75
C TYR A 210 9.29 -14.18 16.44
N LEU A 211 9.74 -13.12 15.80
CA LEU A 211 10.45 -13.28 14.55
C LEU A 211 11.83 -13.89 14.78
N GLN A 212 12.49 -13.59 15.91
CA GLN A 212 13.77 -14.24 16.22
C GLN A 212 13.65 -15.76 16.32
N ALA A 213 12.56 -16.21 16.90
CA ALA A 213 12.31 -17.62 17.07
C ALA A 213 11.93 -18.26 15.72
N ASP A 214 11.21 -17.49 14.90
CA ASP A 214 10.84 -17.94 13.57
C ASP A 214 12.12 -18.16 12.75
N PHE A 215 13.03 -17.19 12.77
CA PHE A 215 14.28 -17.33 12.06
C PHE A 215 15.12 -18.54 12.55
N LYS A 216 15.23 -18.72 13.86
CA LYS A 216 15.99 -19.85 14.40
C LYS A 216 15.43 -21.17 13.89
N ALA A 217 14.10 -21.29 13.92
CA ALA A 217 13.49 -22.49 13.43
C ALA A 217 13.77 -22.66 11.95
N ALA A 218 13.65 -21.58 11.17
CA ALA A 218 13.86 -21.68 9.70
C ALA A 218 15.29 -22.04 9.35
N ALA A 219 16.23 -21.48 10.10
CA ALA A 219 17.64 -21.76 9.93
C ALA A 219 18.00 -23.24 10.22
N ALA A 220 17.48 -23.75 11.34
CA ALA A 220 17.67 -25.15 11.72
C ALA A 220 17.05 -26.09 10.67
N ALA A 221 15.92 -25.71 10.09
CA ALA A 221 15.30 -26.55 9.05
C ALA A 221 16.15 -26.68 7.77
N VAL A 222 17.10 -25.78 7.53
CA VAL A 222 18.04 -25.98 6.38
C VAL A 222 19.44 -26.43 6.83
N GLY A 223 19.57 -26.94 8.04
CA GLY A 223 20.82 -27.45 8.56
C GLY A 223 21.80 -26.42 9.09
N HIS A 224 21.35 -25.22 9.42
CA HIS A 224 22.26 -24.17 9.89
C HIS A 224 21.68 -23.51 11.14
N PRO A 225 21.57 -24.26 12.26
CA PRO A 225 20.97 -23.73 13.51
C PRO A 225 21.78 -22.64 14.20
N GLU A 226 23.09 -22.66 14.00
CA GLU A 226 23.98 -21.61 14.46
C GLU A 226 23.66 -20.23 13.88
N TRP A 227 23.17 -20.17 12.64
CA TRP A 227 23.10 -18.90 11.88
C TRP A 227 22.36 -17.82 12.64
N GLU A 228 22.74 -16.56 12.38
CA GLU A 228 22.10 -15.43 13.00
C GLU A 228 21.86 -14.33 12.00
N PHE A 229 21.12 -13.32 12.41
CA PHE A 229 20.88 -12.16 11.54
C PHE A 229 22.22 -11.55 11.12
N PRO A 230 22.31 -10.97 9.93
CA PRO A 230 23.59 -10.27 9.58
C PRO A 230 23.84 -9.07 10.49
N ASN A 231 25.09 -8.83 10.84
CA ASN A 231 25.46 -7.74 11.74
C ASN A 231 26.41 -6.71 11.10
N ASP A 232 26.53 -6.76 9.78
CA ASP A 232 27.42 -5.90 9.02
C ASP A 232 26.60 -5.00 8.12
N VAL A 233 25.46 -4.56 8.67
CA VAL A 233 24.36 -3.93 7.90
C VAL A 233 24.25 -2.42 8.11
N GLY A 234 25.12 -1.87 8.96
CA GLY A 234 25.11 -0.45 9.27
C GLY A 234 23.86 -0.05 10.01
N GLN A 235 23.38 1.16 9.75
CA GLN A 235 22.24 1.71 10.48
C GLN A 235 21.40 2.54 9.54
N TYR A 236 20.27 3.01 10.03
CA TYR A 236 19.26 3.73 9.26
C TYR A 236 19.80 4.66 8.20
N ASN A 237 20.75 5.53 8.59
CA ASN A 237 21.16 6.60 7.70
C ASN A 237 22.45 6.32 6.91
N ASP A 238 22.99 5.10 6.99
CA ASP A 238 24.15 4.74 6.17
C ASP A 238 23.81 4.74 4.69
N THR A 239 24.86 4.79 3.86
CA THR A 239 24.75 4.52 2.44
C THR A 239 25.31 3.09 2.26
N PRO A 240 24.92 2.42 1.15
CA PRO A 240 25.26 1.00 0.94
C PRO A 240 26.76 0.71 0.99
N GLU A 241 27.57 1.57 0.35
CA GLU A 241 29.01 1.35 0.31
C GLU A 241 29.73 1.44 1.67
N ARG A 242 29.08 2.02 2.69
CA ARG A 242 29.63 2.07 4.07
C ARG A 242 29.37 0.79 4.88
N THR A 243 28.75 -0.21 4.29
CA THR A 243 28.43 -1.44 4.99
C THR A 243 29.01 -2.59 4.18
N GLN A 244 29.43 -3.64 4.86
CA GLN A 244 29.90 -4.86 4.19
C GLN A 244 28.74 -5.67 3.58
N PHE A 245 27.54 -5.54 4.14
CA PHE A 245 26.40 -6.28 3.64
C PHE A 245 25.88 -5.73 2.33
N PHE A 246 25.73 -4.41 2.23
CA PHE A 246 25.07 -3.80 1.06
C PHE A 246 26.01 -3.29 -0.05
N ARG A 247 27.29 -3.22 0.24
CA ARG A 247 28.23 -2.74 -0.80
C ARG A 247 28.27 -3.67 -2.03
N ASP A 248 28.77 -3.13 -3.13
CA ASP A 248 28.95 -3.94 -4.34
C ASP A 248 29.73 -5.19 -3.96
N ASN A 249 29.24 -6.35 -4.39
CA ASN A 249 29.89 -7.62 -4.11
C ASN A 249 29.96 -7.87 -2.62
N GLY A 250 28.98 -7.37 -1.87
CA GLY A 250 28.97 -7.49 -0.42
C GLY A 250 28.35 -8.80 0.03
N THR A 251 28.14 -8.93 1.35
CA THR A 251 27.69 -10.19 1.93
C THR A 251 26.19 -10.46 1.72
N TYR A 252 25.44 -9.52 1.13
CA TYR A 252 24.07 -9.82 0.68
C TYR A 252 24.04 -10.97 -0.33
N LEU A 253 25.16 -11.18 -1.01
CA LEU A 253 25.31 -12.25 -2.04
C LEU A 253 25.68 -13.62 -1.47
N SER A 254 26.11 -13.68 -0.23
CA SER A 254 26.55 -14.95 0.36
C SER A 254 25.35 -15.87 0.55
N GLU A 255 25.63 -17.15 0.78
CA GLU A 255 24.59 -18.14 1.05
C GLU A 255 23.71 -17.73 2.27
N LYS A 256 24.38 -17.35 3.33
CA LYS A 256 23.80 -16.83 4.56
C LYS A 256 22.92 -15.58 4.31
N GLY A 257 23.47 -14.62 3.56
CA GLY A 257 22.78 -13.37 3.19
C GLY A 257 21.50 -13.65 2.41
N ARG A 258 21.60 -14.51 1.39
CA ARG A 258 20.46 -14.93 0.58
C ARG A 258 19.40 -15.59 1.43
N PHE A 259 19.80 -16.47 2.34
CA PHE A 259 18.81 -17.15 3.20
C PHE A 259 18.03 -16.17 4.05
N PHE A 260 18.76 -15.22 4.62
CA PHE A 260 18.16 -14.21 5.48
C PHE A 260 17.20 -13.28 4.70
N LEU A 261 17.64 -12.79 3.55
CA LEU A 261 16.80 -11.93 2.69
C LEU A 261 15.53 -12.62 2.21
N ALA A 262 15.66 -13.91 1.88
CA ALA A 262 14.49 -14.73 1.49
C ALA A 262 13.54 -14.91 2.69
N TRP A 263 14.10 -15.24 3.86
CA TRP A 263 13.31 -15.42 5.07
C TRP A 263 12.49 -14.14 5.40
N TYR A 264 13.17 -12.99 5.33
CA TYR A 264 12.58 -11.70 5.66
C TYR A 264 11.51 -11.30 4.69
N SER A 265 11.78 -11.42 3.39
CA SER A 265 10.82 -11.04 2.37
C SER A 265 9.64 -12.05 2.27
N ASN A 266 9.94 -13.33 2.47
CA ASN A 266 8.94 -14.38 2.46
C ASN A 266 7.93 -14.18 3.59
N ASN A 267 8.41 -13.77 4.76
CA ASN A 267 7.49 -13.58 5.89
C ASN A 267 6.46 -12.51 5.57
N LEU A 268 6.87 -11.46 4.85
CA LEU A 268 5.93 -10.44 4.43
CA LEU A 268 5.90 -10.43 4.39
C LEU A 268 4.88 -11.01 3.43
N ILE A 269 5.37 -11.80 2.45
CA ILE A 269 4.49 -12.44 1.47
C ILE A 269 3.48 -13.33 2.20
N LYS A 270 3.94 -14.12 3.17
CA LYS A 270 3.02 -15.03 3.92
C LYS A 270 2.00 -14.24 4.76
N HIS A 271 2.44 -13.11 5.32
CA HIS A 271 1.56 -12.18 6.10
C HIS A 271 0.43 -11.69 5.21
N GLY A 272 0.77 -11.21 4.00
CA GLY A 272 -0.24 -10.75 3.06
C GLY A 272 -1.19 -11.87 2.60
N ASP A 273 -0.65 -13.06 2.37
CA ASP A 273 -1.44 -14.18 1.84
C ASP A 273 -2.47 -14.54 2.90
N ARG A 274 -2.03 -14.68 4.15
CA ARG A 274 -2.97 -15.17 5.17
CA ARG A 274 -2.94 -15.16 5.21
C ARG A 274 -4.03 -14.14 5.50
N ILE A 275 -3.67 -12.86 5.51
CA ILE A 275 -4.67 -11.81 5.76
C ILE A 275 -5.66 -11.62 4.58
N LEU A 276 -5.14 -11.69 3.36
CA LEU A 276 -6.02 -11.64 2.21
C LEU A 276 -6.97 -12.84 2.16
N ASP A 277 -6.52 -14.02 2.59
CA ASP A 277 -7.43 -15.19 2.60
C ASP A 277 -8.64 -14.88 3.51
N GLU A 278 -8.36 -14.33 4.70
CA GLU A 278 -9.46 -13.91 5.58
C GLU A 278 -10.34 -12.78 5.01
N ALA A 279 -9.72 -11.78 4.38
CA ALA A 279 -10.47 -10.69 3.78
C ALA A 279 -11.42 -11.20 2.66
N ASN A 280 -10.89 -12.10 1.86
CA ASN A 280 -11.66 -12.71 0.78
C ASN A 280 -12.90 -13.47 1.32
N LYS A 281 -12.69 -14.24 2.37
CA LYS A 281 -13.78 -14.96 3.04
C LYS A 281 -14.83 -13.98 3.57
N VAL A 282 -14.37 -12.86 4.15
CA VAL A 282 -15.29 -11.82 4.61
C VAL A 282 -16.18 -11.24 3.51
N PHE A 283 -15.59 -10.87 2.38
CA PHE A 283 -16.27 -10.12 1.34
C PHE A 283 -16.82 -10.95 0.20
N LEU A 284 -16.72 -12.27 0.36
CA LEU A 284 -17.22 -13.24 -0.59
C LEU A 284 -18.61 -12.85 -1.07
N GLY A 285 -18.82 -12.83 -2.38
CA GLY A 285 -20.13 -12.49 -2.93
C GLY A 285 -20.50 -11.03 -3.11
N TYR A 286 -19.75 -10.09 -2.50
CA TYR A 286 -19.96 -8.66 -2.67
C TYR A 286 -19.22 -8.18 -3.91
N LYS A 287 -19.78 -7.16 -4.56
CA LYS A 287 -19.16 -6.65 -5.81
C LYS A 287 -18.03 -5.67 -5.47
N VAL A 288 -16.94 -6.20 -4.92
CA VAL A 288 -15.79 -5.40 -4.53
C VAL A 288 -14.55 -6.12 -4.97
N GLN A 289 -13.50 -5.33 -5.14
CA GLN A 289 -12.19 -5.84 -5.40
C GLN A 289 -11.38 -5.62 -4.11
N LEU A 290 -10.53 -6.58 -3.77
CA LEU A 290 -9.55 -6.43 -2.71
C LEU A 290 -8.25 -5.98 -3.29
N ALA A 291 -7.56 -5.10 -2.55
CA ALA A 291 -6.26 -4.55 -2.95
C ALA A 291 -5.28 -4.52 -1.80
N ILE A 292 -4.00 -4.58 -2.11
CA ILE A 292 -2.95 -4.27 -1.18
C ILE A 292 -2.18 -3.05 -1.67
N LYS A 293 -1.44 -2.44 -0.76
CA LYS A 293 -0.56 -1.30 -1.13
C LYS A 293 0.89 -1.69 -0.99
N ILE A 294 1.67 -1.41 -2.03
CA ILE A 294 3.07 -1.65 -2.08
C ILE A 294 3.72 -0.25 -2.05
N SER A 295 4.66 -0.09 -1.14
CA SER A 295 5.37 1.18 -1.01
C SER A 295 6.35 1.35 -2.16
N GLY A 296 6.62 2.58 -2.56
CA GLY A 296 7.55 2.87 -3.62
C GLY A 296 8.90 3.26 -3.06
N ILE A 297 9.80 2.29 -2.91
CA ILE A 297 11.13 2.53 -2.33
C ILE A 297 12.09 2.71 -3.51
N HIS A 298 12.14 3.95 -4.01
CA HIS A 298 12.87 4.25 -5.24
C HIS A 298 14.34 4.55 -4.97
N TRP A 299 14.69 4.82 -3.71
CA TRP A 299 16.05 5.19 -3.36
C TRP A 299 16.93 3.94 -3.27
N TRP A 300 18.15 4.08 -3.79
CA TRP A 300 19.09 2.95 -4.01
C TRP A 300 18.67 1.92 -5.05
N TYR A 301 17.64 2.21 -5.84
CA TYR A 301 17.26 1.31 -6.93
C TYR A 301 18.37 1.23 -7.97
N LYS A 302 19.20 2.27 -8.05
CA LYS A 302 20.30 2.26 -9.05
C LYS A 302 21.59 1.58 -8.60
N VAL A 303 21.65 0.97 -7.42
CA VAL A 303 22.84 0.24 -7.02
C VAL A 303 22.51 -1.22 -6.91
N PRO A 304 23.51 -2.12 -7.09
CA PRO A 304 23.17 -3.54 -7.19
C PRO A 304 22.42 -4.13 -5.99
N SER A 305 22.69 -3.68 -4.75
CA SER A 305 22.03 -4.27 -3.57
C SER A 305 20.62 -3.77 -3.34
N HIS A 306 20.15 -2.73 -4.04
CA HIS A 306 18.76 -2.23 -3.82
C HIS A 306 18.44 -2.10 -2.31
N ALA A 307 19.34 -1.44 -1.60
CA ALA A 307 19.42 -1.64 -0.13
C ALA A 307 18.16 -1.29 0.58
N ALA A 308 17.56 -0.16 0.20
CA ALA A 308 16.35 0.30 0.87
C ALA A 308 15.13 -0.59 0.57
N GLU A 309 15.07 -1.13 -0.64
CA GLU A 309 14.02 -2.14 -0.92
C GLU A 309 14.22 -3.35 -0.01
N LEU A 310 15.45 -3.82 0.14
CA LEU A 310 15.71 -5.02 0.93
C LEU A 310 15.27 -4.86 2.36
N THR A 311 15.60 -3.73 2.98
CA THR A 311 15.20 -3.50 4.36
C THR A 311 13.71 -3.29 4.52
N ALA A 312 13.04 -2.75 3.52
CA ALA A 312 11.56 -2.67 3.53
C ALA A 312 10.91 -4.04 3.45
N GLY A 313 11.65 -5.03 2.95
CA GLY A 313 11.13 -6.38 2.78
C GLY A 313 10.90 -6.81 1.33
N TYR A 314 11.29 -5.97 0.35
CA TYR A 314 11.14 -6.26 -1.07
C TYR A 314 12.47 -6.77 -1.61
N TYR A 315 12.55 -8.06 -1.91
CA TYR A 315 13.84 -8.72 -2.19
C TYR A 315 14.06 -8.66 -3.69
N ASN A 316 14.44 -7.46 -4.09
CA ASN A 316 14.53 -7.07 -5.48
C ASN A 316 15.97 -6.82 -5.84
N LEU A 317 16.48 -7.54 -6.84
CA LEU A 317 17.84 -7.33 -7.34
C LEU A 317 17.80 -7.36 -8.87
N HIS A 318 18.92 -7.05 -9.54
CA HIS A 318 18.85 -7.03 -11.00
C HIS A 318 18.37 -8.35 -11.61
N ASP A 319 18.72 -9.49 -10.99
CA ASP A 319 18.32 -10.81 -11.49
C ASP A 319 17.25 -11.51 -10.62
N ARG A 320 16.54 -10.76 -9.78
CA ARG A 320 15.51 -11.34 -8.91
C ARG A 320 14.33 -10.37 -8.80
N ASP A 321 13.17 -10.77 -9.29
CA ASP A 321 12.04 -9.87 -9.32
C ASP A 321 11.23 -10.01 -8.00
N GLY A 322 11.52 -9.11 -7.06
CA GLY A 322 10.90 -9.15 -5.74
C GLY A 322 9.51 -8.58 -5.70
N TYR A 323 9.02 -8.03 -6.84
CA TYR A 323 7.61 -7.62 -6.95
C TYR A 323 6.75 -8.63 -7.64
N ARG A 324 7.33 -9.39 -8.59
CA ARG A 324 6.52 -10.40 -9.27
C ARG A 324 6.19 -11.55 -8.34
N THR A 325 7.03 -11.81 -7.35
CA THR A 325 6.70 -12.85 -6.35
C THR A 325 5.44 -12.44 -5.58
N ILE A 326 5.42 -11.20 -5.13
CA ILE A 326 4.23 -10.63 -4.50
C ILE A 326 2.99 -10.69 -5.42
N ALA A 327 3.15 -10.32 -6.69
CA ALA A 327 2.05 -10.41 -7.61
C ALA A 327 1.53 -11.84 -7.78
N ARG A 328 2.45 -12.81 -7.84
CA ARG A 328 2.08 -14.21 -7.93
C ARG A 328 1.26 -14.67 -6.67
N MET A 329 1.65 -14.21 -5.48
CA MET A 329 0.85 -14.49 -4.24
C MET A 329 -0.56 -13.90 -4.32
N LEU A 330 -0.70 -12.71 -4.89
CA LEU A 330 -1.99 -12.04 -5.05
C LEU A 330 -2.93 -12.71 -6.05
N LYS A 331 -2.35 -13.45 -7.00
CA LYS A 331 -3.15 -14.03 -8.09
C LYS A 331 -4.36 -14.85 -7.64
N ARG A 332 -4.15 -15.77 -6.70
CA ARG A 332 -5.24 -16.67 -6.29
C ARG A 332 -6.40 -15.90 -5.67
N HIS A 333 -6.08 -14.76 -5.05
CA HIS A 333 -7.09 -13.92 -4.39
C HIS A 333 -7.77 -12.99 -5.37
N ARG A 334 -7.27 -12.88 -6.61
CA ARG A 334 -7.71 -11.87 -7.56
C ARG A 334 -7.67 -10.47 -6.89
N ALA A 335 -6.60 -10.26 -6.12
CA ALA A 335 -6.38 -9.00 -5.45
C ALA A 335 -5.59 -8.08 -6.39
N SER A 336 -5.87 -6.78 -6.29
CA SER A 336 -5.14 -5.78 -7.07
C SER A 336 -3.93 -5.23 -6.31
N ILE A 337 -2.98 -4.69 -7.06
CA ILE A 337 -1.85 -3.96 -6.51
C ILE A 337 -2.17 -2.49 -6.64
N ASN A 338 -1.98 -1.76 -5.53
CA ASN A 338 -1.99 -0.32 -5.52
C ASN A 338 -0.56 0.12 -5.24
N PHE A 339 0.09 0.73 -6.21
CA PHE A 339 1.45 1.17 -6.06
C PHE A 339 1.52 2.71 -5.90
N THR A 340 2.68 3.26 -5.68
CA THR A 340 2.80 4.73 -5.59
C THR A 340 3.77 5.30 -6.63
N CYS A 341 4.26 6.52 -6.44
CA CYS A 341 5.22 7.14 -7.39
C CYS A 341 4.77 7.39 -8.81
N ALA A 342 3.47 7.38 -9.03
CA ALA A 342 2.96 7.52 -10.39
C ALA A 342 3.33 8.85 -11.01
N GLU A 343 3.69 9.82 -10.17
CA GLU A 343 3.85 11.20 -10.54
C GLU A 343 5.31 11.60 -10.75
N MET A 344 6.25 10.75 -10.35
CA MET A 344 7.67 11.09 -10.29
C MET A 344 8.48 10.86 -11.57
N ARG A 345 9.39 11.78 -11.85
CA ARG A 345 10.39 11.56 -12.91
C ARG A 345 11.72 11.42 -12.23
N ASP A 346 12.60 10.61 -12.83
CA ASP A 346 13.96 10.38 -12.30
C ASP A 346 14.77 11.68 -12.18
N SER A 347 14.57 12.59 -13.15
CA SER A 347 15.22 13.92 -13.16
C SER A 347 14.81 14.81 -12.00
N GLU A 348 13.68 14.52 -11.36
CA GLU A 348 13.26 15.28 -10.19
C GLU A 348 13.96 14.82 -8.88
N GLN A 349 14.77 13.75 -8.90
CA GLN A 349 15.32 13.21 -7.65
C GLN A 349 16.76 13.62 -7.43
N SER A 350 17.14 13.66 -6.16
CA SER A 350 18.54 13.83 -5.72
C SER A 350 19.47 12.74 -6.30
N SER A 351 20.61 13.11 -6.89
CA SER A 351 21.60 12.13 -7.41
C SER A 351 22.24 11.21 -6.36
N GLN A 352 22.56 11.75 -5.18
CA GLN A 352 23.10 10.97 -4.04
C GLN A 352 22.23 9.75 -3.63
N ALA A 353 20.92 9.95 -3.67
CA ALA A 353 19.90 8.93 -3.39
C ALA A 353 19.86 7.71 -4.36
N MET A 354 20.50 7.81 -5.53
CA MET A 354 20.57 6.72 -6.51
C MET A 354 19.19 6.17 -6.81
N SER A 355 18.31 7.08 -7.15
CA SER A 355 16.88 6.89 -7.19
C SER A 355 16.34 6.73 -8.62
N ALA A 356 15.45 5.73 -8.83
CA ALA A 356 14.88 5.46 -10.15
C ALA A 356 13.40 5.10 -10.05
N PRO A 357 12.56 6.12 -9.69
CA PRO A 357 11.11 5.92 -9.59
C PRO A 357 10.44 5.48 -10.87
N GLU A 358 10.91 5.99 -12.01
CA GLU A 358 10.34 5.56 -13.28
C GLU A 358 10.55 4.08 -13.57
N GLU A 359 11.77 3.60 -13.38
CA GLU A 359 12.06 2.20 -13.61
C GLU A 359 11.34 1.29 -12.59
N LEU A 360 11.25 1.76 -11.36
CA LEU A 360 10.55 0.99 -10.32
C LEU A 360 9.07 0.85 -10.68
N VAL A 361 8.46 1.98 -11.06
CA VAL A 361 7.05 1.98 -11.48
C VAL A 361 6.84 1.00 -12.63
N GLN A 362 7.74 1.04 -13.62
CA GLN A 362 7.61 0.15 -14.76
C GLN A 362 7.73 -1.33 -14.37
N GLN A 363 8.64 -1.62 -13.44
CA GLN A 363 8.82 -2.97 -12.93
C GLN A 363 7.59 -3.46 -12.21
N VAL A 364 7.02 -2.64 -11.33
CA VAL A 364 5.88 -3.12 -10.53
C VAL A 364 4.64 -3.28 -11.39
N LEU A 365 4.39 -2.29 -12.24
CA LEU A 365 3.24 -2.38 -13.13
C LEU A 365 3.37 -3.61 -14.05
N SER A 366 4.56 -3.81 -14.65
CA SER A 366 4.76 -4.96 -15.56
C SER A 366 4.62 -6.31 -14.82
N ALA A 367 5.07 -6.38 -13.55
CA ALA A 367 4.87 -7.58 -12.72
C ALA A 367 3.38 -7.90 -12.52
N GLY A 368 2.61 -6.89 -12.16
CA GLY A 368 1.17 -7.04 -11.99
C GLY A 368 0.48 -7.50 -13.26
N TRP A 369 0.81 -6.84 -14.36
CA TRP A 369 0.18 -7.19 -15.62
C TRP A 369 0.54 -8.57 -16.08
N ARG A 370 1.79 -8.98 -15.89
CA ARG A 370 2.18 -10.35 -16.26
C ARG A 370 1.50 -11.42 -15.45
N GLU A 371 1.05 -11.07 -14.26
CA GLU A 371 0.23 -11.99 -13.45
C GLU A 371 -1.27 -11.83 -13.64
N GLY A 372 -1.69 -10.92 -14.53
CA GLY A 372 -3.11 -10.79 -14.89
C GLY A 372 -3.87 -9.97 -13.85
N LEU A 373 -3.16 -9.17 -13.08
CA LEU A 373 -3.80 -8.39 -12.00
C LEU A 373 -4.23 -7.04 -12.51
N ASN A 374 -5.27 -6.48 -11.89
CA ASN A 374 -5.50 -5.03 -11.96
C ASN A 374 -4.44 -4.29 -11.16
N VAL A 375 -3.95 -3.18 -11.74
CA VAL A 375 -2.96 -2.38 -11.08
C VAL A 375 -3.44 -0.94 -11.03
N ALA A 376 -3.36 -0.34 -9.85
CA ALA A 376 -3.72 1.05 -9.65
C ALA A 376 -2.53 1.76 -9.04
N CYS A 377 -2.53 3.09 -9.11
CA CYS A 377 -1.43 3.87 -8.53
CA CYS A 377 -1.41 3.87 -8.56
C CYS A 377 -1.89 5.09 -7.75
N GLU A 378 -0.98 5.63 -6.95
CA GLU A 378 -1.14 6.90 -6.24
C GLU A 378 0.08 7.76 -6.50
N ASN A 379 -0.06 9.07 -6.34
CA ASN A 379 1.13 9.94 -6.25
C ASN A 379 1.70 9.82 -4.84
N ALA A 380 3.02 9.71 -4.73
CA ALA A 380 3.73 9.67 -3.44
C ALA A 380 3.71 11.00 -2.68
N LEU A 381 3.90 12.08 -3.42
CA LEU A 381 4.01 13.41 -2.79
C LEU A 381 3.02 14.38 -3.40
N PRO A 382 2.61 15.40 -2.63
CA PRO A 382 1.67 16.40 -3.17
C PRO A 382 2.20 17.09 -4.41
N ARG A 383 1.40 17.11 -5.46
CA ARG A 383 1.73 17.79 -6.69
C ARG A 383 0.44 18.37 -7.29
N TYR A 384 0.53 19.60 -7.82
CA TYR A 384 -0.60 20.30 -8.45
C TYR A 384 -0.33 20.77 -9.89
N ASP A 385 0.86 20.45 -10.41
CA ASP A 385 1.38 21.02 -11.65
C ASP A 385 1.18 20.09 -12.85
N PRO A 386 1.10 20.66 -14.07
CA PRO A 386 0.87 19.88 -15.29
C PRO A 386 1.88 18.77 -15.54
N THR A 387 3.15 19.00 -15.20
CA THR A 387 4.19 18.01 -15.42
C THR A 387 3.88 16.71 -14.65
N ALA A 388 3.45 16.88 -13.41
CA ALA A 388 3.13 15.76 -12.54
C ALA A 388 2.00 14.97 -13.17
N TYR A 389 1.00 15.71 -13.67
CA TYR A 389 -0.22 15.11 -14.23
C TYR A 389 0.08 14.37 -15.51
N ASN A 390 0.97 14.98 -16.32
CA ASN A 390 1.46 14.34 -17.50
C ASN A 390 2.27 13.05 -17.25
N THR A 391 3.04 13.03 -16.17
CA THR A 391 3.76 11.85 -15.75
C THR A 391 2.81 10.71 -15.36
N ILE A 392 1.74 11.07 -14.65
CA ILE A 392 0.72 10.10 -14.21
C ILE A 392 0.02 9.55 -15.45
N LEU A 393 -0.29 10.44 -16.39
CA LEU A 393 -0.92 10.10 -17.64
C LEU A 393 -0.10 9.08 -18.38
N ARG A 394 1.20 9.33 -18.46
CA ARG A 394 2.09 8.39 -19.13
C ARG A 394 1.96 6.99 -18.49
N ASN A 395 2.02 6.95 -17.16
CA ASN A 395 1.93 5.69 -16.41
C ASN A 395 0.56 5.05 -16.52
N ALA A 396 -0.50 5.85 -16.59
CA ALA A 396 -1.87 5.35 -16.75
C ALA A 396 -2.10 4.59 -18.04
N ARG A 397 -1.51 5.08 -19.13
CA ARG A 397 -1.60 4.46 -20.45
C ARG A 397 -0.20 4.46 -21.10
N PRO A 398 0.65 3.50 -20.69
CA PRO A 398 2.06 3.39 -21.09
C PRO A 398 2.31 3.35 -22.59
N HIS A 399 1.35 2.82 -23.36
CA HIS A 399 1.42 2.77 -24.84
C HIS A 399 0.49 3.78 -25.53
N GLY A 400 -0.07 4.74 -24.77
CA GLY A 400 -0.95 5.79 -25.28
C GLY A 400 -2.38 5.31 -25.51
N ILE A 401 -3.13 6.14 -26.24
CA ILE A 401 -4.51 5.83 -26.61
C ILE A 401 -4.48 4.73 -27.67
N ASN A 402 -5.40 3.78 -27.56
CA ASN A 402 -5.75 2.91 -28.68
C ASN A 402 -7.05 3.40 -29.34
N GLN A 403 -6.97 3.76 -30.62
CA GLN A 403 -8.13 4.23 -31.39
C GLN A 403 -9.16 3.11 -31.55
N SER A 404 -8.65 1.91 -31.82
CA SER A 404 -9.47 0.76 -32.22
C SER A 404 -10.30 0.20 -31.07
N GLY A 405 -9.71 0.11 -29.88
CA GLY A 405 -10.33 -0.53 -28.73
C GLY A 405 -9.63 -0.13 -27.43
N PRO A 406 -9.53 -1.06 -26.46
CA PRO A 406 -8.69 -0.83 -25.27
C PRO A 406 -7.16 -0.85 -25.56
N PRO A 407 -6.34 -0.16 -24.74
CA PRO A 407 -4.88 -0.25 -24.90
C PRO A 407 -4.34 -1.62 -24.46
N GLU A 408 -3.11 -1.95 -24.84
CA GLU A 408 -2.53 -3.23 -24.42
C GLU A 408 -2.45 -3.31 -22.87
N HIS A 409 -2.12 -2.18 -22.23
CA HIS A 409 -1.98 -2.07 -20.79
C HIS A 409 -2.49 -0.72 -20.35
N LYS A 410 -3.10 -0.68 -19.18
CA LYS A 410 -3.49 0.59 -18.57
C LYS A 410 -3.69 0.35 -17.07
N LEU A 411 -3.65 1.42 -16.30
CA LEU A 411 -4.01 1.32 -14.90
C LEU A 411 -5.51 1.14 -14.77
N PHE A 412 -5.91 0.37 -13.76
CA PHE A 412 -7.31 0.16 -13.46
C PHE A 412 -7.92 1.41 -12.78
N GLY A 413 -7.07 2.19 -12.14
CA GLY A 413 -7.47 3.40 -11.45
C GLY A 413 -6.25 4.17 -11.01
N PHE A 414 -6.46 5.43 -10.64
CA PHE A 414 -5.44 6.29 -10.08
C PHE A 414 -6.11 7.05 -8.93
N THR A 415 -5.43 7.14 -7.79
CA THR A 415 -5.92 7.82 -6.62
C THR A 415 -4.97 8.99 -6.31
N TYR A 416 -5.55 10.18 -6.24
CA TYR A 416 -4.84 11.42 -6.00
C TYR A 416 -4.75 11.73 -4.52
N LEU A 417 -3.53 11.88 -4.03
CA LEU A 417 -3.23 12.35 -2.67
C LEU A 417 -3.02 13.90 -2.68
N ARG A 418 -3.80 14.69 -1.95
CA ARG A 418 -5.09 14.35 -1.32
C ARG A 418 -5.99 15.57 -1.31
N LEU A 419 -7.27 15.34 -1.05
CA LEU A 419 -8.22 16.43 -1.00
C LEU A 419 -7.93 17.48 0.08
N SER A 420 -8.03 18.73 -0.32
CA SER A 420 -8.12 19.86 0.61
C SER A 420 -8.67 21.05 -0.19
N ASN A 421 -8.88 22.18 0.49
CA ASN A 421 -9.34 23.40 -0.19
C ASN A 421 -8.40 23.86 -1.28
N GLN A 422 -7.10 23.66 -1.08
CA GLN A 422 -6.09 24.01 -2.10
C GLN A 422 -6.32 23.33 -3.47
N LEU A 423 -6.83 22.10 -3.46
CA LEU A 423 -7.06 21.37 -4.72
C LEU A 423 -8.26 21.87 -5.49
N VAL A 424 -9.29 22.30 -4.77
CA VAL A 424 -10.58 22.66 -5.39
C VAL A 424 -10.78 24.19 -5.57
N GLU A 425 -9.68 24.94 -5.57
CA GLU A 425 -9.69 26.38 -5.84
C GLU A 425 -8.64 26.75 -6.89
N GLY A 426 -8.83 27.92 -7.49
CA GLY A 426 -7.83 28.51 -8.37
C GLY A 426 -7.37 27.68 -9.56
N GLN A 427 -6.13 27.91 -9.97
CA GLN A 427 -5.52 27.21 -11.10
C GLN A 427 -5.30 25.73 -10.79
N ASN A 428 -5.11 25.39 -9.51
CA ASN A 428 -5.02 23.98 -9.07
C ASN A 428 -6.20 23.19 -9.57
N TYR A 429 -7.39 23.74 -9.33
CA TYR A 429 -8.63 23.06 -9.70
C TYR A 429 -8.75 22.93 -11.19
N VAL A 430 -8.37 23.99 -11.91
CA VAL A 430 -8.40 23.96 -13.35
C VAL A 430 -7.46 22.88 -13.87
N ASN A 431 -6.23 22.82 -13.36
CA ASN A 431 -5.26 21.78 -13.78
C ASN A 431 -5.77 20.36 -13.47
N PHE A 432 -6.35 20.22 -12.29
CA PHE A 432 -6.86 18.92 -11.84
C PHE A 432 -8.02 18.47 -12.71
N LYS A 433 -8.98 19.38 -12.95
CA LYS A 433 -10.14 19.05 -13.79
C LYS A 433 -9.70 18.64 -15.21
N THR A 434 -8.72 19.34 -15.77
CA THR A 434 -8.18 18.99 -17.08
C THR A 434 -7.48 17.61 -17.07
N PHE A 435 -6.78 17.33 -15.98
CA PHE A 435 -6.20 15.99 -15.76
C PHE A 435 -7.26 14.90 -15.79
N VAL A 436 -8.35 15.08 -15.06
CA VAL A 436 -9.43 14.09 -15.02
C VAL A 436 -10.00 13.87 -16.44
N ASP A 437 -10.21 14.96 -17.19
CA ASP A 437 -10.63 14.84 -18.60
C ASP A 437 -9.70 13.91 -19.39
N ARG A 438 -8.40 14.15 -19.29
CA ARG A 438 -7.39 13.38 -19.99
C ARG A 438 -7.36 11.90 -19.55
N MET A 439 -7.42 11.68 -18.24
N MET A 439 -7.43 11.67 -18.24
CA MET A 439 -7.53 10.31 -17.71
CA MET A 439 -7.51 10.29 -17.71
C MET A 439 -8.71 9.59 -18.30
C MET A 439 -8.74 9.56 -18.23
N HIS A 440 -9.84 10.30 -18.41
CA HIS A 440 -11.03 9.77 -19.06
C HIS A 440 -10.99 9.75 -20.59
N ALA A 441 -9.84 10.06 -21.18
CA ALA A 441 -9.68 10.05 -22.62
C ALA A 441 -10.65 11.04 -23.29
N ASN A 442 -10.89 12.15 -22.59
CA ASN A 442 -11.80 13.24 -22.94
C ASN A 442 -13.29 12.88 -23.06
N LEU A 443 -13.70 11.78 -22.43
CA LEU A 443 -15.10 11.40 -22.41
C LEU A 443 -15.71 11.87 -21.10
N PRO A 444 -17.04 12.00 -21.09
CA PRO A 444 -17.68 12.30 -19.85
C PRO A 444 -17.54 11.17 -18.81
N ARG A 445 -17.64 11.54 -17.55
CA ARG A 445 -17.64 10.61 -16.43
C ARG A 445 -18.68 9.52 -16.67
N ASP A 446 -18.27 8.27 -16.54
CA ASP A 446 -19.14 7.13 -16.69
C ASP A 446 -19.11 6.41 -15.31
N PRO A 447 -20.19 6.56 -14.53
CA PRO A 447 -20.20 5.90 -13.24
C PRO A 447 -20.27 4.37 -13.31
N TYR A 448 -20.67 3.81 -14.45
CA TYR A 448 -20.83 2.37 -14.61
C TYR A 448 -19.65 1.67 -15.29
N VAL A 449 -18.55 2.40 -15.53
CA VAL A 449 -17.32 1.80 -16.04
C VAL A 449 -16.74 0.78 -15.04
N ASP A 450 -16.07 -0.28 -15.54
CA ASP A 450 -15.36 -1.25 -14.69
C ASP A 450 -16.27 -1.88 -13.63
N PRO A 451 -17.44 -2.39 -14.03
CA PRO A 451 -18.31 -3.07 -13.06
C PRO A 451 -17.61 -4.28 -12.41
N MET A 452 -17.91 -4.51 -11.13
CA MET A 452 -17.33 -5.61 -10.38
C MET A 452 -18.31 -6.79 -10.37
N ALA A 453 -17.79 -7.99 -10.59
CA ALA A 453 -18.52 -9.23 -10.39
C ALA A 453 -18.57 -9.56 -8.89
N PRO A 454 -19.54 -10.35 -8.45
CA PRO A 454 -19.49 -10.86 -7.07
C PRO A 454 -18.14 -11.53 -6.77
N LEU A 455 -17.47 -11.10 -5.69
CA LEU A 455 -16.15 -11.62 -5.33
C LEU A 455 -16.13 -13.15 -5.17
N PRO A 456 -15.35 -13.85 -6.02
CA PRO A 456 -15.29 -15.28 -5.83
C PRO A 456 -14.28 -15.65 -4.77
N ARG A 457 -14.40 -16.87 -4.24
CA ARG A 457 -13.44 -17.38 -3.29
C ARG A 457 -12.03 -17.45 -3.90
N SER A 458 -11.04 -17.13 -3.08
CA SER A 458 -9.63 -17.33 -3.39
C SER A 458 -9.39 -18.76 -3.87
N GLY A 459 -8.56 -18.88 -4.90
CA GLY A 459 -8.15 -20.20 -5.35
C GLY A 459 -7.22 -20.91 -4.38
N PRO A 460 -6.75 -22.13 -4.74
CA PRO A 460 -6.01 -22.94 -3.81
C PRO A 460 -4.76 -22.31 -3.32
N GLU A 461 -4.51 -22.45 -2.02
CA GLU A 461 -3.28 -22.02 -1.41
C GLU A 461 -2.06 -22.62 -2.13
N ILE A 462 -1.10 -21.79 -2.48
CA ILE A 462 0.17 -22.24 -3.05
C ILE A 462 1.31 -21.98 -2.06
N SER A 463 2.37 -22.78 -2.16
CA SER A 463 3.49 -22.72 -1.25
C SER A 463 4.41 -21.56 -1.56
N ILE A 464 5.26 -21.25 -0.59
CA ILE A 464 6.25 -20.23 -0.83
C ILE A 464 7.18 -20.60 -1.99
N GLU A 465 7.52 -21.88 -2.11
CA GLU A 465 8.39 -22.34 -3.23
C GLU A 465 7.68 -22.08 -4.58
N MET A 466 6.38 -22.31 -4.63
CA MET A 466 5.60 -22.01 -5.82
C MET A 466 5.58 -20.53 -6.14
N ILE A 467 5.40 -19.71 -5.12
CA ILE A 467 5.39 -18.27 -5.31
C ILE A 467 6.72 -17.76 -5.87
N LEU A 468 7.80 -18.31 -5.33
CA LEU A 468 9.13 -17.81 -5.64
C LEU A 468 9.57 -18.20 -7.06
N GLN A 469 8.86 -19.10 -7.74
CA GLN A 469 9.19 -19.38 -9.16
C GLN A 469 9.09 -18.11 -10.00
N ALA A 470 8.30 -17.11 -9.54
CA ALA A 470 8.10 -15.87 -10.26
C ALA A 470 9.28 -14.92 -10.22
N ALA A 471 10.25 -15.19 -9.33
CA ALA A 471 11.37 -14.27 -9.11
C ALA A 471 12.34 -14.30 -10.27
N GLN A 472 12.45 -15.44 -10.94
CA GLN A 472 13.45 -15.59 -12.03
C GLN A 472 12.91 -16.44 -13.15
N PRO A 473 13.39 -16.25 -14.39
CA PRO A 473 14.25 -15.15 -14.82
C PRO A 473 13.53 -13.81 -14.73
N LYS A 474 14.27 -12.80 -14.32
CA LYS A 474 13.76 -11.43 -14.22
C LYS A 474 13.63 -10.88 -15.66
N LEU A 475 12.44 -10.42 -16.02
CA LEU A 475 12.13 -9.90 -17.36
C LEU A 475 12.26 -8.41 -17.43
N GLN A 476 12.63 -7.90 -18.61
CA GLN A 476 12.54 -6.46 -18.82
C GLN A 476 11.08 -6.01 -18.68
N PRO A 477 10.84 -4.77 -18.20
CA PRO A 477 9.48 -4.26 -18.19
C PRO A 477 8.95 -4.09 -19.58
N PHE A 478 7.64 -3.95 -19.68
CA PHE A 478 7.04 -3.54 -20.95
C PHE A 478 7.57 -2.13 -21.30
N PRO A 479 7.77 -1.82 -22.61
CA PRO A 479 8.22 -0.45 -22.94
C PRO A 479 7.16 0.60 -22.61
N PHE A 480 7.58 1.70 -22.03
CA PHE A 480 6.69 2.82 -21.74
C PHE A 480 7.06 3.99 -22.67
N GLN A 481 6.08 4.69 -23.24
CA GLN A 481 6.35 5.93 -24.00
C GLN A 481 7.02 6.91 -23.05
N GLU A 482 7.92 7.72 -23.60
CA GLU A 482 8.58 8.71 -22.76
C GLU A 482 7.59 9.79 -22.30
N HIS A 483 6.65 10.16 -23.16
CA HIS A 483 5.68 11.23 -22.83
C HIS A 483 4.27 10.79 -23.20
N THR A 484 3.28 11.18 -22.39
CA THR A 484 1.90 10.93 -22.77
C THR A 484 1.55 11.52 -24.14
N ASP A 485 0.70 10.82 -24.87
CA ASP A 485 0.09 11.33 -26.11
C ASP A 485 -1.18 12.17 -25.86
N LEU A 486 -1.60 12.34 -24.61
CA LEU A 486 -2.78 13.14 -24.34
C LEU A 486 -2.49 14.05 -23.17
N PRO A 487 -1.56 15.00 -23.37
CA PRO A 487 -1.17 15.87 -22.25
C PRO A 487 -2.27 16.85 -21.81
N VAL A 488 -2.13 17.40 -20.62
CA VAL A 488 -3.09 18.38 -20.12
C VAL A 488 -3.12 19.69 -20.98
N GLY A 489 -1.95 20.30 -21.21
CA GLY A 489 -1.84 21.60 -21.91
C GLY A 489 -0.92 22.56 -21.16
#